data_3P81
#
_entry.id   3P81
#
_cell.length_a   57.614
_cell.length_b   70.554
_cell.length_c   89.132
_cell.angle_alpha   90.000
_cell.angle_beta   90.000
_cell.angle_gamma   90.000
#
_symmetry.space_group_name_H-M   'P 21 21 21'
#
loop_
_entity.id
_entity.type
_entity.pdbx_description
1 polymer 'Pentaerythritol tetranitrate reductase'
2 non-polymer 'FLAVIN MONONUCLEOTIDE'
3 non-polymer 4-[(E)-2-nitroethenyl]phenol
4 water water
#
_entity_poly.entity_id   1
_entity_poly.type   'polypeptide(L)'
_entity_poly.pdbx_seq_one_letter_code
;MSAEKLFTPLKVGAVTAPNRVFMAPLTRLRSIEPGDIPTPLMGEYYRQRASAGLIISEATQISAQAKGYAGAPGLHSPEQ
IAAWKKITAGVHAEDGRIAVQLWHTGRISHSSIQPGGQAPVSASALNANTRTSLRDENGNAIRVDTTTPRALELDEIPGI
VNDFRQAVANAREAGFDLVELHSAHGYLLHQFLSPSSNQRTDQYGGSVENRARLVLEVVDAVCNEWSADRIGIRVSPIGT
FQNVDNGPNEEADALYLIEELAKRGIAYLHMSETDLAGGKPYSEAFRQKVRERFHGVIIGAGAYTAEKAEDLIGKGLIDA
VAFGRDYIANPDLVARLQKKAELNPQRPESFYGGGAEGYTDYPSL
;
_entity_poly.pdbx_strand_id   A
#
loop_
_chem_comp.id
_chem_comp.type
_chem_comp.name
_chem_comp.formula
FMN non-polymer 'FLAVIN MONONUCLEOTIDE' 'C17 H21 N4 O9 P'
P81 non-polymer 4-[(E)-2-nitroethenyl]phenol 'C8 H7 N O3'
#
# COMPACT_ATOMS: atom_id res chain seq x y z
N GLU A 4 -0.40 -25.41 -12.75
CA GLU A 4 -0.69 -23.99 -12.37
C GLU A 4 -1.28 -23.92 -10.98
N LYS A 5 -0.75 -22.99 -10.17
CA LYS A 5 -1.23 -22.75 -8.81
C LYS A 5 -1.92 -21.40 -8.68
N LEU A 6 -1.80 -20.54 -9.69
CA LEU A 6 -2.37 -19.18 -9.59
C LEU A 6 -3.86 -19.16 -9.39
N PHE A 7 -4.55 -20.21 -9.81
CA PHE A 7 -5.99 -20.24 -9.76
C PHE A 7 -6.49 -21.18 -8.67
N THR A 8 -5.68 -21.35 -7.63
CA THR A 8 -6.08 -22.12 -6.46
C THR A 8 -6.27 -21.20 -5.27
N PRO A 9 -7.15 -21.59 -4.33
CA PRO A 9 -7.40 -20.74 -3.19
C PRO A 9 -6.23 -20.58 -2.21
N LEU A 10 -6.33 -19.55 -1.39
CA LEU A 10 -5.31 -19.16 -0.43
C LEU A 10 -5.99 -18.52 0.77
N LYS A 11 -5.70 -19.01 1.96
CA LYS A 11 -6.18 -18.36 3.18
CA LYS A 11 -6.18 -18.37 3.19
C LYS A 11 -5.30 -17.16 3.48
N VAL A 12 -5.90 -15.99 3.57
CA VAL A 12 -5.18 -14.75 3.85
C VAL A 12 -5.75 -14.19 5.16
N GLY A 13 -5.17 -14.60 6.27
CA GLY A 13 -5.71 -14.27 7.59
C GLY A 13 -7.16 -14.72 7.66
N ALA A 14 -8.04 -13.77 8.00
CA ALA A 14 -9.45 -14.03 8.19
C ALA A 14 -10.25 -14.32 6.93
N VAL A 15 -9.70 -14.07 5.74
CA VAL A 15 -10.47 -14.35 4.53
C VAL A 15 -9.79 -15.34 3.62
N THR A 16 -10.58 -15.94 2.77
CA THR A 16 -10.07 -16.92 1.82
C THR A 16 -10.21 -16.38 0.42
N ALA A 17 -9.07 -16.19 -0.24
CA ALA A 17 -9.03 -15.78 -1.64
C ALA A 17 -9.22 -17.00 -2.53
N PRO A 18 -10.06 -16.91 -3.57
CA PRO A 18 -10.26 -18.07 -4.46
C PRO A 18 -9.14 -18.28 -5.47
N ASN A 19 -8.24 -17.31 -5.62
CA ASN A 19 -7.09 -17.40 -6.51
C ASN A 19 -5.99 -16.51 -5.95
N ARG A 20 -4.82 -16.58 -6.56
CA ARG A 20 -3.67 -15.84 -6.06
CA ARG A 20 -3.59 -15.92 -6.11
C ARG A 20 -3.25 -14.66 -6.91
N VAL A 21 -4.20 -14.19 -7.73
CA VAL A 21 -4.01 -13.04 -8.62
C VAL A 21 -4.65 -11.84 -7.94
N PHE A 22 -3.81 -11.01 -7.32
CA PHE A 22 -4.30 -9.89 -6.53
C PHE A 22 -4.15 -8.58 -7.30
N MET A 23 -5.03 -7.63 -6.99
CA MET A 23 -4.93 -6.28 -7.52
C MET A 23 -4.11 -5.42 -6.56
N ALA A 24 -2.98 -4.95 -7.04
CA ALA A 24 -2.09 -4.10 -6.27
C ALA A 24 -2.75 -2.77 -5.96
N PRO A 25 -2.31 -2.11 -4.87
CA PRO A 25 -2.81 -0.77 -4.55
C PRO A 25 -2.37 0.23 -5.62
N LEU A 26 -3.33 1.01 -6.13
CA LEU A 26 -3.10 1.91 -7.25
C LEU A 26 -3.78 3.25 -7.02
N THR A 27 -2.97 4.25 -6.73
CA THR A 27 -3.39 5.63 -6.63
C THR A 27 -3.88 6.12 -8.00
N ARG A 28 -5.12 6.58 -8.05
CA ARG A 28 -5.75 7.03 -9.30
C ARG A 28 -6.24 8.48 -9.24
N LEU A 29 -6.31 9.07 -8.04
CA LEU A 29 -6.50 10.51 -7.83
C LEU A 29 -7.80 11.06 -8.43
N ARG A 30 -8.90 10.36 -8.20
CA ARG A 30 -10.22 10.71 -8.73
C ARG A 30 -11.24 11.02 -7.63
N SER A 31 -10.78 11.26 -6.41
CA SER A 31 -11.70 11.57 -5.31
C SER A 31 -12.19 13.01 -5.36
N ILE A 32 -13.29 13.28 -4.69
CA ILE A 32 -13.85 14.62 -4.61
C ILE A 32 -13.10 15.49 -3.62
N GLU A 33 -12.82 16.71 -4.06
CA GLU A 33 -12.40 17.79 -3.15
C GLU A 33 -13.43 18.91 -3.26
N PRO A 34 -13.78 19.56 -2.14
CA PRO A 34 -13.28 19.32 -0.79
C PRO A 34 -13.77 18.00 -0.19
N GLY A 35 -13.00 17.48 0.75
CA GLY A 35 -13.40 16.37 1.58
C GLY A 35 -12.71 15.04 1.31
N ASP A 36 -11.97 14.95 0.19
CA ASP A 36 -11.20 13.74 -0.17
C ASP A 36 -12.11 12.51 -0.15
N ILE A 37 -13.24 12.64 -0.84
CA ILE A 37 -14.34 11.69 -0.73
C ILE A 37 -14.34 10.71 -1.89
N PRO A 38 -14.35 9.40 -1.60
CA PRO A 38 -14.51 8.41 -2.66
C PRO A 38 -15.86 8.56 -3.35
N THR A 39 -15.95 8.03 -4.55
CA THR A 39 -17.10 8.26 -5.41
C THR A 39 -17.73 6.97 -5.94
N PRO A 40 -18.98 7.05 -6.40
CA PRO A 40 -19.56 5.91 -7.12
C PRO A 40 -18.78 5.44 -8.34
N LEU A 41 -18.10 6.36 -9.04
CA LEU A 41 -17.25 5.97 -10.16
C LEU A 41 -16.13 5.04 -9.67
N MET A 42 -15.49 5.41 -8.57
CA MET A 42 -14.51 4.53 -7.93
C MET A 42 -15.13 3.19 -7.55
N GLY A 43 -16.35 3.23 -7.03
CA GLY A 43 -17.06 2.00 -6.71
C GLY A 43 -17.21 1.09 -7.92
N GLU A 44 -17.56 1.66 -9.07
CA GLU A 44 -17.72 0.89 -10.29
CA GLU A 44 -17.72 0.88 -10.28
C GLU A 44 -16.39 0.26 -10.73
N TYR A 45 -15.32 1.04 -10.69
CA TYR A 45 -13.97 0.54 -10.99
C TYR A 45 -13.60 -0.67 -10.15
N TYR A 46 -13.82 -0.58 -8.85
CA TYR A 46 -13.49 -1.70 -7.97
C TYR A 46 -14.42 -2.89 -8.23
N ARG A 47 -15.72 -2.63 -8.44
CA ARG A 47 -16.66 -3.72 -8.71
C ARG A 47 -16.28 -4.50 -9.97
N GLN A 48 -15.81 -3.80 -10.99
CA GLN A 48 -15.37 -4.43 -12.23
C GLN A 48 -14.24 -5.44 -12.04
N ARG A 49 -13.46 -5.24 -10.96
CA ARG A 49 -12.25 -6.02 -10.67
C ARG A 49 -12.47 -7.01 -9.52
N ALA A 50 -13.73 -7.27 -9.17
CA ALA A 50 -14.07 -8.09 -8.01
C ALA A 50 -13.70 -9.57 -8.14
N SER A 51 -13.36 -10.05 -9.34
CA SER A 51 -12.89 -11.42 -9.48
C SER A 51 -11.45 -11.62 -9.00
N ALA A 52 -10.72 -10.53 -8.73
CA ALA A 52 -9.40 -10.65 -8.12
C ALA A 52 -9.45 -11.51 -6.87
N GLY A 53 -8.40 -12.28 -6.62
CA GLY A 53 -8.33 -13.02 -5.38
C GLY A 53 -8.48 -12.10 -4.17
N LEU A 54 -7.86 -10.92 -4.27
CA LEU A 54 -8.00 -9.84 -3.29
C LEU A 54 -7.76 -8.54 -4.03
N ILE A 55 -8.63 -7.56 -3.82
CA ILE A 55 -8.38 -6.19 -4.25
C ILE A 55 -7.70 -5.48 -3.09
N ILE A 56 -6.59 -4.79 -3.37
CA ILE A 56 -5.99 -3.88 -2.39
C ILE A 56 -6.25 -2.49 -2.94
N SER A 57 -6.92 -1.65 -2.16
CA SER A 57 -7.31 -0.33 -2.63
C SER A 57 -6.13 0.60 -2.87
N GLU A 58 -6.40 1.66 -3.62
CA GLU A 58 -5.53 2.83 -3.63
C GLU A 58 -5.18 3.26 -2.22
N ALA A 59 -4.00 3.86 -2.07
CA ALA A 59 -3.58 4.41 -0.79
C ALA A 59 -4.61 5.45 -0.31
N THR A 60 -4.94 5.35 0.97
CA THR A 60 -6.03 6.11 1.57
C THR A 60 -5.55 6.76 2.87
N GLN A 61 -5.81 8.05 3.01
CA GLN A 61 -5.34 8.79 4.19
C GLN A 61 -5.95 8.34 5.50
N ILE A 62 -5.11 8.22 6.52
CA ILE A 62 -5.55 7.97 7.89
C ILE A 62 -6.09 9.20 8.60
N SER A 63 -5.76 10.38 8.07
CA SER A 63 -6.06 11.68 8.67
C SER A 63 -5.90 12.74 7.57
N ALA A 64 -6.38 13.95 7.82
CA ALA A 64 -6.13 15.04 6.89
C ALA A 64 -4.64 15.35 6.76
N GLN A 65 -3.91 15.32 7.88
CA GLN A 65 -2.47 15.56 7.86
C GLN A 65 -1.75 14.55 6.96
N ALA A 66 -2.27 13.33 6.88
CA ALA A 66 -1.70 12.29 6.05
C ALA A 66 -1.68 12.60 4.56
N LYS A 67 -2.50 13.55 4.11
CA LYS A 67 -2.66 13.82 2.69
C LYS A 67 -1.39 14.39 2.06
N GLY A 68 -1.02 13.82 0.92
CA GLY A 68 0.07 14.32 0.11
C GLY A 68 -0.26 14.51 -1.36
N TYR A 69 -1.40 14.00 -1.82
CA TYR A 69 -1.79 14.01 -3.21
C TYR A 69 -3.22 14.52 -3.32
N ALA A 70 -3.44 15.50 -4.19
CA ALA A 70 -4.79 15.96 -4.48
C ALA A 70 -5.55 14.86 -5.23
N GLY A 71 -6.73 14.52 -4.73
CA GLY A 71 -7.54 13.48 -5.33
C GLY A 71 -7.44 12.12 -4.68
N ALA A 72 -6.51 11.94 -3.75
CA ALA A 72 -6.41 10.69 -2.98
C ALA A 72 -7.49 10.70 -1.88
N PRO A 73 -8.16 9.57 -1.66
CA PRO A 73 -9.24 9.54 -0.67
C PRO A 73 -8.74 9.41 0.75
N GLY A 74 -9.61 9.80 1.69
CA GLY A 74 -9.38 9.55 3.10
C GLY A 74 -10.32 8.51 3.70
N LEU A 75 -10.00 8.12 4.93
CA LEU A 75 -10.83 7.25 5.74
C LEU A 75 -10.84 7.73 7.19
N HIS A 76 -10.95 9.05 7.34
CA HIS A 76 -10.98 9.72 8.65
C HIS A 76 -12.29 10.45 8.94
N SER A 77 -13.07 10.82 7.94
CA SER A 77 -14.29 11.62 8.17
C SER A 77 -15.55 10.79 8.05
N PRO A 78 -16.66 11.26 8.64
CA PRO A 78 -17.92 10.54 8.45
C PRO A 78 -18.32 10.39 6.99
N GLU A 79 -18.11 11.41 6.18
CA GLU A 79 -18.52 11.37 4.78
C GLU A 79 -17.68 10.34 4.01
N GLN A 80 -16.39 10.24 4.33
CA GLN A 80 -15.53 9.24 3.71
C GLN A 80 -15.98 7.83 4.10
N ILE A 81 -16.27 7.63 5.39
CA ILE A 81 -16.75 6.33 5.84
C ILE A 81 -18.02 5.92 5.07
N ALA A 82 -18.96 6.85 4.95
CA ALA A 82 -20.24 6.58 4.28
C ALA A 82 -20.02 6.21 2.81
N ALA A 83 -19.11 6.92 2.14
CA ALA A 83 -18.84 6.65 0.74
C ALA A 83 -18.13 5.33 0.54
N TRP A 84 -17.16 5.01 1.39
CA TRP A 84 -16.47 3.72 1.30
C TRP A 84 -17.42 2.56 1.60
N LYS A 85 -18.39 2.73 2.51
CA LYS A 85 -19.36 1.68 2.78
C LYS A 85 -20.09 1.25 1.52
N LYS A 86 -20.45 2.20 0.68
CA LYS A 86 -21.14 1.87 -0.56
C LYS A 86 -20.21 1.09 -1.49
N ILE A 87 -18.95 1.50 -1.55
CA ILE A 87 -17.96 0.86 -2.41
C ILE A 87 -17.69 -0.59 -1.98
N THR A 88 -17.48 -0.81 -0.69
CA THR A 88 -17.21 -2.19 -0.25
C THR A 88 -18.47 -3.06 -0.42
N ALA A 89 -19.65 -2.49 -0.18
CA ALA A 89 -20.90 -3.23 -0.41
C ALA A 89 -20.99 -3.69 -1.87
N GLY A 90 -20.61 -2.83 -2.80
CA GLY A 90 -20.65 -3.18 -4.22
C GLY A 90 -19.70 -4.31 -4.55
N VAL A 91 -18.49 -4.26 -4.01
CA VAL A 91 -17.51 -5.34 -4.21
C VAL A 91 -18.04 -6.65 -3.63
N HIS A 92 -18.61 -6.59 -2.42
CA HIS A 92 -19.14 -7.79 -1.79
C HIS A 92 -20.36 -8.36 -2.53
N ALA A 93 -21.16 -7.51 -3.14
CA ALA A 93 -22.29 -7.95 -3.96
C ALA A 93 -21.84 -8.75 -5.16
N GLU A 94 -20.60 -8.51 -5.61
CA GLU A 94 -19.97 -9.27 -6.69
C GLU A 94 -19.04 -10.38 -6.20
N ASP A 95 -19.17 -10.75 -4.92
CA ASP A 95 -18.42 -11.85 -4.35
CA ASP A 95 -18.41 -11.82 -4.30
C ASP A 95 -16.91 -11.59 -4.29
N GLY A 96 -16.50 -10.31 -4.19
CA GLY A 96 -15.10 -9.95 -4.06
C GLY A 96 -14.67 -9.73 -2.63
N ARG A 97 -13.36 -9.51 -2.45
CA ARG A 97 -12.75 -9.16 -1.17
C ARG A 97 -11.88 -7.94 -1.38
N ILE A 98 -11.94 -7.00 -0.45
CA ILE A 98 -11.20 -5.76 -0.61
C ILE A 98 -10.51 -5.33 0.69
N ALA A 99 -9.21 -5.05 0.58
CA ALA A 99 -8.39 -4.48 1.64
C ALA A 99 -8.23 -3.00 1.36
N VAL A 100 -8.20 -2.17 2.41
CA VAL A 100 -7.85 -0.77 2.24
C VAL A 100 -6.37 -0.59 2.57
N GLN A 101 -5.64 0.05 1.67
CA GLN A 101 -4.26 0.43 1.95
C GLN A 101 -4.30 1.79 2.66
N LEU A 102 -3.76 1.84 3.87
CA LEU A 102 -3.75 3.04 4.70
C LEU A 102 -2.36 3.65 4.75
N TRP A 103 -2.27 4.94 4.43
CA TRP A 103 -1.00 5.67 4.47
C TRP A 103 -1.07 6.98 5.22
N HIS A 104 0.13 7.39 5.59
CA HIS A 104 0.47 8.78 5.86
C HIS A 104 1.61 9.10 4.90
N THR A 105 1.47 10.14 4.10
CA THR A 105 2.47 10.43 3.08
C THR A 105 3.74 11.07 3.65
N GLY A 106 3.67 11.61 4.87
CA GLY A 106 4.81 12.30 5.43
C GLY A 106 5.34 13.37 4.49
N ARG A 107 6.65 13.35 4.24
CA ARG A 107 7.28 14.40 3.45
C ARG A 107 6.98 14.37 1.94
N ILE A 108 6.34 13.31 1.44
CA ILE A 108 5.93 13.33 0.02
C ILE A 108 4.56 13.99 -0.03
N SER A 109 4.59 15.31 0.01
CA SER A 109 3.41 16.13 0.23
C SER A 109 3.77 17.58 -0.08
N HIS A 110 2.80 18.47 0.06
CA HIS A 110 2.95 19.88 -0.25
C HIS A 110 2.15 20.67 0.77
N SER A 111 2.71 21.80 1.22
CA SER A 111 2.02 22.60 2.24
C SER A 111 0.63 23.06 1.81
N SER A 112 0.42 23.27 0.51
CA SER A 112 -0.86 23.80 0.03
C SER A 112 -2.05 22.88 0.28
N ILE A 113 -1.78 21.60 0.55
CA ILE A 113 -2.85 20.65 0.81
C ILE A 113 -2.82 20.11 2.23
N GLN A 114 -1.97 20.68 3.09
CA GLN A 114 -1.93 20.33 4.50
C GLN A 114 -2.90 21.17 5.29
N PRO A 115 -3.33 20.68 6.48
CA PRO A 115 -4.15 21.52 7.36
C PRO A 115 -3.43 22.83 7.68
N GLY A 116 -4.13 23.95 7.55
CA GLY A 116 -3.57 25.24 7.83
C GLY A 116 -2.50 25.71 6.85
N GLY A 117 -2.30 24.98 5.75
CA GLY A 117 -1.25 25.33 4.80
C GLY A 117 0.16 25.16 5.32
N GLN A 118 0.33 24.33 6.34
CA GLN A 118 1.64 24.17 6.97
C GLN A 118 2.50 23.08 6.32
N ALA A 119 3.79 23.11 6.63
CA ALA A 119 4.72 22.10 6.12
C ALA A 119 4.24 20.71 6.55
N PRO A 120 4.42 19.71 5.67
CA PRO A 120 4.11 18.33 6.06
C PRO A 120 5.13 17.83 7.08
N VAL A 121 4.84 16.70 7.71
CA VAL A 121 5.68 16.16 8.77
C VAL A 121 6.47 14.94 8.30
N SER A 122 7.57 14.66 9.00
CA SER A 122 8.39 13.49 8.71
C SER A 122 9.21 13.12 9.94
N ALA A 123 10.06 12.13 9.77
CA ALA A 123 11.02 11.78 10.81
C ALA A 123 12.02 12.91 11.06
N SER A 124 12.48 13.52 9.98
CA SER A 124 13.47 14.58 10.01
C SER A 124 13.12 15.66 9.00
N ALA A 125 13.73 16.83 9.15
CA ALA A 125 13.44 18.00 8.31
C ALA A 125 14.30 17.96 7.05
N LEU A 126 14.03 17.00 6.20
CA LEU A 126 14.79 16.77 4.97
C LEU A 126 13.80 16.69 3.82
N ASN A 127 13.99 17.50 2.80
CA ASN A 127 13.12 17.45 1.62
C ASN A 127 13.24 16.10 0.92
N ALA A 128 12.10 15.58 0.45
CA ALA A 128 12.05 14.34 -0.31
C ALA A 128 12.76 14.42 -1.65
N ASN A 129 12.93 15.64 -2.14
CA ASN A 129 13.54 15.92 -3.46
C ASN A 129 12.84 15.16 -4.59
N THR A 130 11.53 15.09 -4.52
CA THR A 130 10.75 14.48 -5.58
C THR A 130 9.53 15.35 -5.82
N ARG A 131 8.55 14.79 -6.51
CA ARG A 131 7.30 15.49 -6.78
C ARG A 131 6.12 14.69 -6.27
N THR A 132 5.05 15.42 -5.98
CA THR A 132 3.76 14.83 -5.70
C THR A 132 2.78 15.34 -6.76
N SER A 133 1.53 14.89 -6.67
CA SER A 133 0.49 15.30 -7.61
C SER A 133 -0.54 16.17 -6.92
N LEU A 134 -0.63 17.42 -7.37
CA LEU A 134 -1.65 18.36 -6.93
C LEU A 134 -2.70 18.46 -8.04
N ARG A 135 -3.65 19.37 -7.88
CA ARG A 135 -4.61 19.69 -8.92
C ARG A 135 -4.49 21.16 -9.26
N ASP A 136 -4.58 21.46 -10.54
CA ASP A 136 -4.60 22.85 -11.00
C ASP A 136 -6.00 23.46 -10.83
N GLU A 137 -6.17 24.71 -11.28
CA GLU A 137 -7.44 25.43 -11.11
CA GLU A 137 -7.43 25.46 -11.15
C GLU A 137 -8.62 24.78 -11.83
N ASN A 138 -8.31 23.94 -12.82
CA ASN A 138 -9.34 23.21 -13.58
C ASN A 138 -9.57 21.79 -13.05
N GLY A 139 -8.89 21.43 -11.97
CA GLY A 139 -9.05 20.11 -11.36
C GLY A 139 -8.21 19.00 -11.95
N ASN A 140 -7.25 19.33 -12.82
CA ASN A 140 -6.40 18.34 -13.47
C ASN A 140 -5.12 18.08 -12.69
N ALA A 141 -4.66 16.83 -12.71
CA ALA A 141 -3.44 16.45 -11.99
C ALA A 141 -2.21 17.16 -12.55
N ILE A 142 -1.38 17.67 -11.66
CA ILE A 142 -0.12 18.33 -12.01
C ILE A 142 0.97 17.89 -11.03
N ARG A 143 2.17 17.66 -11.54
CA ARG A 143 3.30 17.25 -10.69
C ARG A 143 4.01 18.47 -10.14
N VAL A 144 4.21 18.50 -8.82
CA VAL A 144 4.75 19.65 -8.11
C VAL A 144 5.80 19.20 -7.10
N ASP A 145 6.91 19.93 -7.03
CA ASP A 145 7.98 19.62 -6.09
C ASP A 145 7.49 19.58 -4.63
N THR A 146 7.99 18.62 -3.87
CA THR A 146 7.59 18.43 -2.48
C THR A 146 8.12 19.54 -1.57
N THR A 147 7.34 19.84 -0.52
CA THR A 147 7.69 20.84 0.48
C THR A 147 8.61 20.26 1.54
N THR A 148 9.60 21.02 1.99
CA THR A 148 10.47 20.57 3.06
C THR A 148 9.64 20.32 4.33
N PRO A 149 9.78 19.14 4.94
CA PRO A 149 8.97 18.81 6.09
C PRO A 149 9.49 19.33 7.41
N ARG A 150 8.61 19.32 8.40
CA ARG A 150 8.91 19.53 9.80
C ARG A 150 9.13 18.17 10.46
N ALA A 151 10.19 18.05 11.27
CA ALA A 151 10.41 16.81 12.02
C ALA A 151 9.37 16.68 13.12
N LEU A 152 8.71 15.53 13.21
CA LEU A 152 7.77 15.30 14.31
C LEU A 152 8.46 15.42 15.66
N GLU A 153 7.81 16.05 16.61
CA GLU A 153 8.26 16.06 18.00
CA GLU A 153 8.31 16.04 17.97
C GLU A 153 7.99 14.69 18.61
N LEU A 154 8.82 14.29 19.56
CA LEU A 154 8.63 13.01 20.24
C LEU A 154 7.19 12.87 20.76
N ASP A 155 6.63 13.95 21.31
CA ASP A 155 5.29 13.86 21.90
C ASP A 155 4.17 13.84 20.85
N GLU A 156 4.50 14.00 19.57
CA GLU A 156 3.52 13.82 18.49
C GLU A 156 3.40 12.38 18.00
N ILE A 157 4.32 11.51 18.40
CA ILE A 157 4.35 10.13 17.88
CA ILE A 157 4.33 10.17 17.83
C ILE A 157 3.11 9.34 18.30
N PRO A 158 2.72 9.41 19.57
CA PRO A 158 1.50 8.67 19.95
C PRO A 158 0.25 9.04 19.12
N GLY A 159 0.14 10.30 18.75
CA GLY A 159 -0.96 10.75 17.92
C GLY A 159 -0.96 10.08 16.55
N ILE A 160 0.21 9.91 15.96
CA ILE A 160 0.34 9.22 14.68
C ILE A 160 -0.13 7.77 14.81
N VAL A 161 0.32 7.10 15.87
CA VAL A 161 -0.11 5.73 16.13
C VAL A 161 -1.63 5.66 16.28
N ASN A 162 -2.19 6.59 17.05
CA ASN A 162 -3.63 6.66 17.22
C ASN A 162 -4.37 6.92 15.90
N ASP A 163 -3.80 7.74 15.01
CA ASP A 163 -4.43 7.99 13.72
C ASP A 163 -4.54 6.70 12.90
N PHE A 164 -3.48 5.89 12.88
CA PHE A 164 -3.57 4.58 12.21
C PHE A 164 -4.63 3.69 12.89
N ARG A 165 -4.65 3.65 14.22
CA ARG A 165 -5.64 2.85 14.96
C ARG A 165 -7.08 3.27 14.61
N GLN A 166 -7.32 4.57 14.67
CA GLN A 166 -8.62 5.15 14.37
C GLN A 166 -9.05 4.85 12.94
N ALA A 167 -8.11 4.97 11.99
CA ALA A 167 -8.42 4.68 10.60
C ALA A 167 -8.77 3.20 10.42
N VAL A 168 -8.16 2.31 11.19
CA VAL A 168 -8.51 0.90 11.16
C VAL A 168 -9.90 0.64 11.74
N ALA A 169 -10.25 1.30 12.85
CA ALA A 169 -11.63 1.24 13.34
C ALA A 169 -12.60 1.67 12.24
N ASN A 170 -12.28 2.77 11.59
CA ASN A 170 -13.12 3.29 10.52
C ASN A 170 -13.21 2.32 9.33
N ALA A 171 -12.08 1.67 8.99
CA ALA A 171 -12.02 0.72 7.88
C ALA A 171 -12.89 -0.51 8.13
N ARG A 172 -12.80 -1.03 9.35
CA ARG A 172 -13.62 -2.16 9.75
C ARG A 172 -15.10 -1.80 9.63
N GLU A 173 -15.48 -0.63 10.14
CA GLU A 173 -16.84 -0.14 10.00
C GLU A 173 -17.24 0.02 8.51
N ALA A 174 -16.32 0.52 7.70
CA ALA A 174 -16.58 0.78 6.29
C ALA A 174 -16.72 -0.48 5.44
N GLY A 175 -16.46 -1.65 6.03
CA GLY A 175 -16.71 -2.91 5.34
C GLY A 175 -15.51 -3.53 4.65
N PHE A 176 -14.32 -2.99 4.85
CA PHE A 176 -13.13 -3.62 4.29
C PHE A 176 -12.89 -4.97 4.97
N ASP A 177 -12.36 -5.91 4.20
CA ASP A 177 -12.07 -7.24 4.70
C ASP A 177 -10.74 -7.33 5.43
N LEU A 178 -9.78 -6.49 5.02
CA LEU A 178 -8.43 -6.44 5.59
C LEU A 178 -7.96 -4.99 5.49
N VAL A 179 -6.88 -4.70 6.19
CA VAL A 179 -6.17 -3.43 6.01
CA VAL A 179 -6.15 -3.44 6.08
C VAL A 179 -4.72 -3.74 5.67
N GLU A 180 -4.17 -2.93 4.75
CA GLU A 180 -2.76 -2.99 4.41
C GLU A 180 -2.09 -1.71 4.87
N LEU A 181 -1.15 -1.83 5.79
CA LEU A 181 -0.37 -0.67 6.22
C LEU A 181 0.66 -0.31 5.15
N HIS A 182 0.70 0.96 4.76
CA HIS A 182 1.63 1.40 3.73
C HIS A 182 2.99 1.75 4.34
N SER A 183 3.86 0.76 4.42
CA SER A 183 5.19 0.93 5.01
C SER A 183 6.28 0.92 3.93
N ALA A 184 5.93 1.34 2.72
CA ALA A 184 6.78 1.27 1.56
C ALA A 184 6.90 2.64 0.87
N HIS A 185 7.73 2.66 -0.18
CA HIS A 185 7.76 3.69 -1.21
C HIS A 185 8.08 5.09 -0.72
N GLY A 186 8.77 5.19 0.39
CA GLY A 186 9.18 6.48 0.90
C GLY A 186 8.11 7.31 1.58
N TYR A 187 6.97 6.71 1.94
CA TYR A 187 5.94 7.42 2.72
C TYR A 187 6.29 7.37 4.22
N LEU A 188 5.41 7.81 5.11
CA LEU A 188 5.86 8.15 6.46
C LEU A 188 6.51 7.00 7.20
N LEU A 189 5.90 5.82 7.17
CA LEU A 189 6.46 4.69 7.90
C LEU A 189 7.86 4.34 7.37
N HIS A 190 8.03 4.36 6.05
CA HIS A 190 9.32 4.11 5.41
C HIS A 190 10.32 5.24 5.68
N GLN A 191 9.85 6.47 5.81
CA GLN A 191 10.71 7.60 6.18
C GLN A 191 11.38 7.36 7.54
N PHE A 192 10.67 6.75 8.47
CA PHE A 192 11.26 6.36 9.74
C PHE A 192 12.18 5.13 9.61
N LEU A 193 11.80 4.15 8.80
CA LEU A 193 12.61 2.95 8.64
C LEU A 193 13.98 3.21 8.03
N SER A 194 14.06 4.13 7.08
CA SER A 194 15.28 4.33 6.29
C SER A 194 16.23 5.31 6.95
N PRO A 195 17.52 4.94 7.11
CA PRO A 195 18.52 5.89 7.61
C PRO A 195 18.68 7.13 6.70
N SER A 196 18.37 7.00 5.42
CA SER A 196 18.52 8.11 4.46
CA SER A 196 18.56 8.13 4.51
C SER A 196 17.58 9.27 4.75
N SER A 197 16.42 8.96 5.31
CA SER A 197 15.38 9.94 5.62
C SER A 197 15.18 10.17 7.13
N ASN A 198 15.85 9.37 7.95
CA ASN A 198 15.70 9.43 9.39
C ASN A 198 17.06 9.73 10.01
N GLN A 199 17.23 10.97 10.47
CA GLN A 199 18.45 11.38 11.15
C GLN A 199 18.16 11.69 12.61
N ARG A 200 17.05 11.18 13.13
CA ARG A 200 16.70 11.39 14.53
C ARG A 200 17.70 10.76 15.47
N THR A 201 17.83 11.35 16.65
CA THR A 201 18.75 10.87 17.66
C THR A 201 17.99 10.54 18.95
N ASP A 202 16.67 10.37 18.84
CA ASP A 202 15.84 9.88 19.96
C ASP A 202 15.50 8.38 19.75
N GLN A 203 14.50 7.85 20.46
CA GLN A 203 14.17 6.42 20.40
CA GLN A 203 14.21 6.42 20.38
C GLN A 203 13.52 6.01 19.08
N TYR A 204 13.30 6.96 18.17
CA TYR A 204 12.72 6.66 16.87
C TYR A 204 13.71 6.82 15.72
N GLY A 205 15.00 6.95 16.03
CA GLY A 205 16.06 6.95 15.01
C GLY A 205 17.33 6.30 15.53
N GLY A 206 18.26 6.09 14.60
CA GLY A 206 19.56 5.50 14.93
C GLY A 206 19.59 4.02 14.60
N SER A 207 19.47 3.19 15.63
CA SER A 207 19.50 1.75 15.45
C SER A 207 18.31 1.28 14.63
N VAL A 208 18.40 0.09 14.03
CA VAL A 208 17.26 -0.46 13.31
C VAL A 208 16.07 -0.68 14.24
N GLU A 209 16.31 -1.08 15.48
CA GLU A 209 15.25 -1.23 16.46
CA GLU A 209 15.23 -1.23 16.45
C GLU A 209 14.47 0.09 16.59
N ASN A 210 15.21 1.19 16.70
CA ASN A 210 14.59 2.50 16.83
C ASN A 210 13.89 2.95 15.55
N ARG A 211 14.51 2.67 14.41
CA ARG A 211 13.91 3.04 13.12
C ARG A 211 12.62 2.28 12.81
N ALA A 212 12.53 1.02 13.27
CA ALA A 212 11.34 0.20 13.08
C ALA A 212 10.33 0.40 14.21
N ARG A 213 10.67 1.20 15.21
CA ARG A 213 9.82 1.33 16.39
C ARG A 213 8.41 1.83 16.04
N LEU A 214 8.33 2.88 15.23
CA LEU A 214 7.04 3.44 14.86
C LEU A 214 6.17 2.42 14.12
N VAL A 215 6.72 1.77 13.10
CA VAL A 215 5.89 0.83 12.34
C VAL A 215 5.42 -0.32 13.22
N LEU A 216 6.25 -0.80 14.13
CA LEU A 216 5.83 -1.88 15.01
C LEU A 216 4.80 -1.42 16.05
N GLU A 217 4.90 -0.18 16.53
CA GLU A 217 3.85 0.39 17.39
C GLU A 217 2.52 0.46 16.64
N VAL A 218 2.58 0.85 15.37
CA VAL A 218 1.40 0.91 14.54
C VAL A 218 0.80 -0.49 14.36
N VAL A 219 1.63 -1.46 13.99
CA VAL A 219 1.17 -2.83 13.84
C VAL A 219 0.48 -3.30 15.12
N ASP A 220 1.12 -3.09 16.27
CA ASP A 220 0.53 -3.54 17.53
C ASP A 220 -0.82 -2.84 17.82
N ALA A 221 -0.88 -1.54 17.55
CA ALA A 221 -2.11 -0.79 17.80
C ALA A 221 -3.25 -1.29 16.91
N VAL A 222 -2.97 -1.56 15.63
CA VAL A 222 -4.05 -1.98 14.73
C VAL A 222 -4.47 -3.44 14.96
N CYS A 223 -3.53 -4.30 15.36
CA CYS A 223 -3.89 -5.66 15.74
C CYS A 223 -4.80 -5.66 16.96
N ASN A 224 -4.52 -4.78 17.90
CA ASN A 224 -5.35 -4.65 19.10
C ASN A 224 -6.72 -4.07 18.78
N GLU A 225 -6.79 -3.12 17.85
CA GLU A 225 -8.05 -2.52 17.46
C GLU A 225 -8.98 -3.55 16.80
N TRP A 226 -8.42 -4.33 15.88
CA TRP A 226 -9.21 -5.33 15.16
C TRP A 226 -8.69 -6.71 15.56
N SER A 227 -7.92 -7.35 14.69
CA SER A 227 -7.35 -8.67 14.94
CA SER A 227 -7.25 -8.60 15.02
C SER A 227 -6.11 -8.78 14.05
N ALA A 228 -5.08 -9.51 14.48
CA ALA A 228 -3.87 -9.69 13.67
C ALA A 228 -4.17 -10.31 12.31
N ASP A 229 -5.14 -11.20 12.25
CA ASP A 229 -5.53 -11.85 11.01
C ASP A 229 -6.29 -10.95 10.03
N ARG A 230 -6.44 -9.67 10.38
CA ARG A 230 -7.02 -8.68 9.48
C ARG A 230 -5.99 -7.69 8.95
N ILE A 231 -4.73 -7.84 9.36
CA ILE A 231 -3.70 -6.83 9.09
C ILE A 231 -2.63 -7.36 8.14
N GLY A 232 -2.40 -6.63 7.06
CA GLY A 232 -1.26 -6.83 6.17
C GLY A 232 -0.37 -5.61 6.19
N ILE A 233 0.81 -5.75 5.62
CA ILE A 233 1.74 -4.64 5.54
C ILE A 233 2.49 -4.70 4.22
N ARG A 234 2.66 -3.55 3.58
CA ARG A 234 3.47 -3.46 2.38
C ARG A 234 4.80 -2.79 2.71
N VAL A 235 5.88 -3.43 2.29
CA VAL A 235 7.23 -2.94 2.48
C VAL A 235 7.92 -2.93 1.12
N SER A 236 8.92 -2.06 1.00
CA SER A 236 9.82 -2.04 -0.15
C SER A 236 11.23 -1.89 0.39
N PRO A 237 11.73 -2.95 1.05
CA PRO A 237 12.89 -2.84 1.93
C PRO A 237 14.25 -3.07 1.27
N ILE A 238 14.25 -3.36 -0.03
CA ILE A 238 15.47 -3.59 -0.80
C ILE A 238 15.44 -2.65 -1.98
N GLY A 239 16.49 -1.84 -2.11
CA GLY A 239 16.60 -0.89 -3.22
C GLY A 239 16.14 0.51 -2.89
N THR A 240 15.94 1.31 -3.91
CA THR A 240 15.55 2.71 -3.77
C THR A 240 14.19 2.98 -4.40
N PHE A 241 13.35 3.73 -3.69
CA PHE A 241 11.99 4.06 -4.11
C PHE A 241 11.77 5.53 -3.79
N GLN A 242 11.46 6.33 -4.81
CA GLN A 242 11.21 7.77 -4.65
C GLN A 242 12.28 8.46 -3.79
N ASN A 243 13.54 8.16 -4.10
CA ASN A 243 14.72 8.71 -3.42
C ASN A 243 14.98 8.21 -2.00
N VAL A 244 14.19 7.25 -1.52
CA VAL A 244 14.39 6.68 -0.22
C VAL A 244 15.05 5.32 -0.47
N ASP A 245 16.34 5.23 -0.15
CA ASP A 245 17.01 3.93 -0.16
C ASP A 245 16.75 3.27 1.19
N ASN A 246 17.32 2.10 1.40
CA ASN A 246 17.10 1.35 2.61
C ASN A 246 18.35 1.23 3.48
N GLY A 247 19.28 2.16 3.26
CA GLY A 247 20.46 2.26 4.11
C GLY A 247 21.50 1.22 3.77
N PRO A 248 22.60 1.24 4.52
CA PRO A 248 23.78 0.42 4.21
C PRO A 248 23.74 -1.05 4.66
N ASN A 249 22.68 -1.45 5.34
CA ASN A 249 22.51 -2.81 5.82
C ASN A 249 21.09 -3.28 5.51
N GLU A 250 20.66 -3.08 4.27
CA GLU A 250 19.25 -3.24 3.93
C GLU A 250 18.71 -4.65 4.17
N GLU A 251 19.49 -5.68 3.85
CA GLU A 251 19.00 -7.05 4.01
CA GLU A 251 18.97 -7.05 4.01
C GLU A 251 18.83 -7.42 5.48
N ALA A 252 19.87 -7.18 6.28
CA ALA A 252 19.79 -7.47 7.71
C ALA A 252 18.64 -6.70 8.37
N ASP A 253 18.53 -5.42 8.03
CA ASP A 253 17.49 -4.59 8.60
C ASP A 253 16.10 -5.09 8.18
N ALA A 254 15.97 -5.54 6.94
CA ALA A 254 14.69 -6.11 6.47
C ALA A 254 14.33 -7.37 7.24
N LEU A 255 15.31 -8.25 7.46
CA LEU A 255 15.04 -9.50 8.16
C LEU A 255 14.70 -9.26 9.62
N TYR A 256 15.30 -8.25 10.25
CA TYR A 256 14.92 -7.85 11.60
C TYR A 256 13.42 -7.46 11.64
N LEU A 257 13.03 -6.57 10.74
CA LEU A 257 11.64 -6.13 10.69
C LEU A 257 10.70 -7.31 10.46
N ILE A 258 11.06 -8.18 9.52
CA ILE A 258 10.20 -9.30 9.17
C ILE A 258 10.05 -10.29 10.34
N GLU A 259 11.14 -10.59 11.04
CA GLU A 259 11.06 -11.42 12.24
C GLU A 259 10.17 -10.78 13.32
N GLU A 260 10.25 -9.46 13.47
CA GLU A 260 9.36 -8.78 14.42
C GLU A 260 7.89 -8.88 13.98
N LEU A 261 7.62 -8.68 12.70
CA LEU A 261 6.26 -8.75 12.18
C LEU A 261 5.69 -10.16 12.40
N ALA A 262 6.52 -11.18 12.20
CA ALA A 262 6.09 -12.57 12.37
C ALA A 262 5.57 -12.84 13.79
N LYS A 263 6.18 -12.18 14.78
CA LYS A 263 5.77 -12.38 16.17
C LYS A 263 4.32 -11.97 16.38
N ARG A 264 3.82 -11.03 15.59
CA ARG A 264 2.45 -10.55 15.73
C ARG A 264 1.42 -11.42 15.03
N GLY A 265 1.86 -12.36 14.20
CA GLY A 265 0.92 -13.27 13.55
C GLY A 265 -0.01 -12.58 12.57
N ILE A 266 0.48 -11.55 11.88
CA ILE A 266 -0.32 -10.79 10.95
C ILE A 266 -0.65 -11.60 9.70
N ALA A 267 -1.67 -11.14 8.98
CA ALA A 267 -2.21 -11.87 7.83
C ALA A 267 -1.21 -12.01 6.68
N TYR A 268 -0.50 -10.93 6.34
CA TYR A 268 0.38 -11.01 5.17
C TYR A 268 1.46 -9.95 5.17
N LEU A 269 2.51 -10.28 4.41
CA LEU A 269 3.65 -9.44 4.10
C LEU A 269 3.65 -9.25 2.58
N HIS A 270 3.52 -8.00 2.13
CA HIS A 270 3.46 -7.67 0.71
C HIS A 270 4.74 -6.93 0.36
N MET A 271 5.55 -7.56 -0.49
CA MET A 271 6.86 -7.01 -0.84
C MET A 271 6.79 -6.37 -2.22
N SER A 272 6.96 -5.06 -2.26
CA SER A 272 7.12 -4.32 -3.50
C SER A 272 8.61 -4.33 -3.87
N GLU A 273 8.93 -5.04 -4.94
CA GLU A 273 10.30 -5.44 -5.20
C GLU A 273 11.08 -4.43 -6.00
N THR A 274 10.39 -3.56 -6.72
CA THR A 274 11.04 -2.60 -7.61
C THR A 274 10.05 -1.51 -8.00
N ASP A 275 10.56 -0.35 -8.40
CA ASP A 275 9.69 0.68 -8.98
CA ASP A 275 9.71 0.69 -8.98
C ASP A 275 9.62 0.44 -10.49
N LEU A 276 8.96 1.35 -11.21
CA LEU A 276 8.70 1.15 -12.63
C LEU A 276 9.95 1.16 -13.52
N ALA A 277 11.02 1.79 -13.03
CA ALA A 277 12.29 1.84 -13.74
C ALA A 277 13.09 0.54 -13.60
N GLY A 278 12.71 -0.30 -12.64
CA GLY A 278 13.35 -1.59 -12.47
C GLY A 278 14.66 -1.52 -11.73
N GLY A 279 15.25 -2.69 -11.53
CA GLY A 279 16.52 -2.81 -10.82
C GLY A 279 16.85 -4.26 -10.54
N LYS A 280 17.85 -4.46 -9.70
CA LYS A 280 18.35 -5.81 -9.40
C LYS A 280 17.22 -6.65 -8.81
N PRO A 281 17.06 -7.90 -9.29
CA PRO A 281 16.06 -8.77 -8.69
C PRO A 281 16.43 -9.21 -7.26
N TYR A 282 15.42 -9.58 -6.47
CA TYR A 282 15.66 -10.24 -5.20
C TYR A 282 16.44 -11.52 -5.46
N SER A 283 17.43 -11.81 -4.63
CA SER A 283 18.15 -13.10 -4.72
C SER A 283 17.25 -14.20 -4.16
N GLU A 284 17.42 -15.41 -4.66
CA GLU A 284 16.67 -16.52 -4.08
C GLU A 284 17.09 -16.74 -2.62
N ALA A 285 18.35 -16.49 -2.26
CA ALA A 285 18.79 -16.61 -0.87
C ALA A 285 18.01 -15.66 0.04
N PHE A 286 17.84 -14.42 -0.40
CA PHE A 286 17.07 -13.47 0.38
C PHE A 286 15.61 -13.92 0.52
N ARG A 287 15.01 -14.37 -0.58
CA ARG A 287 13.64 -14.87 -0.51
C ARG A 287 13.51 -16.02 0.49
N GLN A 288 14.50 -16.92 0.51
CA GLN A 288 14.51 -18.04 1.45
CA GLN A 288 14.47 -18.03 1.45
C GLN A 288 14.60 -17.56 2.89
N LYS A 289 15.45 -16.57 3.14
CA LYS A 289 15.59 -16.01 4.48
CA LYS A 289 15.59 -16.01 4.48
C LYS A 289 14.28 -15.37 4.95
N VAL A 290 13.57 -14.69 4.05
CA VAL A 290 12.28 -14.11 4.39
C VAL A 290 11.28 -15.22 4.72
N ARG A 291 11.23 -16.23 3.86
CA ARG A 291 10.25 -17.29 3.98
C ARG A 291 10.38 -18.08 5.27
N GLU A 292 11.61 -18.34 5.72
CA GLU A 292 11.79 -19.11 6.95
CA GLU A 292 11.85 -19.09 6.95
C GLU A 292 11.47 -18.28 8.20
N ARG A 293 11.40 -16.97 8.06
CA ARG A 293 11.11 -16.08 9.20
C ARG A 293 9.67 -15.66 9.33
N PHE A 294 8.89 -15.74 8.26
CA PHE A 294 7.52 -15.24 8.26
C PHE A 294 6.56 -16.37 7.94
N HIS A 295 5.49 -16.50 8.73
CA HIS A 295 4.57 -17.63 8.66
CA HIS A 295 4.54 -17.63 8.52
C HIS A 295 3.13 -17.22 8.27
N GLY A 296 2.99 -16.03 7.71
CA GLY A 296 1.78 -15.65 7.01
C GLY A 296 1.99 -15.67 5.51
N VAL A 297 1.01 -15.16 4.79
CA VAL A 297 1.07 -15.06 3.34
C VAL A 297 2.13 -14.06 2.92
N ILE A 298 2.87 -14.41 1.87
CA ILE A 298 3.79 -13.49 1.23
C ILE A 298 3.27 -13.18 -0.17
N ILE A 299 3.10 -11.89 -0.45
CA ILE A 299 2.67 -11.39 -1.76
C ILE A 299 3.87 -10.71 -2.42
N GLY A 300 4.21 -11.12 -3.64
CA GLY A 300 5.25 -10.45 -4.42
C GLY A 300 4.64 -9.50 -5.42
N ALA A 301 5.36 -8.42 -5.71
CA ALA A 301 4.90 -7.42 -6.67
C ALA A 301 6.07 -6.72 -7.33
N GLY A 302 5.84 -6.24 -8.56
CA GLY A 302 6.79 -5.39 -9.27
C GLY A 302 7.17 -6.01 -10.59
N ALA A 303 6.47 -5.61 -11.66
CA ALA A 303 6.73 -6.10 -13.00
C ALA A 303 6.70 -7.62 -13.09
N TYR A 304 5.82 -8.26 -12.34
CA TYR A 304 5.65 -9.70 -12.43
C TYR A 304 5.02 -10.09 -13.77
N THR A 305 5.25 -11.33 -14.13
CA THR A 305 4.44 -12.03 -15.13
C THR A 305 3.77 -13.18 -14.39
N ALA A 306 2.72 -13.72 -15.00
CA ALA A 306 2.10 -14.93 -14.46
C ALA A 306 3.13 -16.06 -14.34
N GLU A 307 4.00 -16.19 -15.32
CA GLU A 307 5.00 -17.26 -15.31
CA GLU A 307 5.03 -17.24 -15.32
C GLU A 307 5.97 -17.10 -14.13
N LYS A 308 6.41 -15.88 -13.85
CA LYS A 308 7.28 -15.64 -12.70
C LYS A 308 6.56 -15.97 -11.39
N ALA A 309 5.30 -15.58 -11.30
CA ALA A 309 4.50 -15.85 -10.11
C ALA A 309 4.38 -17.36 -9.90
N GLU A 310 4.04 -18.10 -10.96
CA GLU A 310 3.97 -19.55 -10.87
C GLU A 310 5.30 -20.17 -10.44
N ASP A 311 6.40 -19.66 -11.00
CA ASP A 311 7.71 -20.18 -10.64
C ASP A 311 8.00 -20.02 -9.15
N LEU A 312 7.76 -18.84 -8.61
CA LEU A 312 8.06 -18.57 -7.22
C LEU A 312 7.07 -19.21 -6.26
N ILE A 313 5.81 -19.31 -6.65
CA ILE A 313 4.82 -20.06 -5.87
C ILE A 313 5.20 -21.54 -5.85
N GLY A 314 5.62 -22.07 -6.98
CA GLY A 314 6.06 -23.48 -7.08
C GLY A 314 7.29 -23.78 -6.27
N LYS A 315 8.18 -22.80 -6.14
CA LYS A 315 9.38 -22.92 -5.32
C LYS A 315 9.10 -22.74 -3.83
N GLY A 316 7.86 -22.42 -3.46
CA GLY A 316 7.48 -22.28 -2.07
C GLY A 316 7.99 -21.01 -1.43
N LEU A 317 8.25 -19.98 -2.24
CA LEU A 317 8.86 -18.75 -1.75
C LEU A 317 7.86 -17.61 -1.55
N ILE A 318 6.82 -17.56 -2.37
CA ILE A 318 5.72 -16.61 -2.20
C ILE A 318 4.41 -17.38 -2.32
N ASP A 319 3.32 -16.73 -1.95
CA ASP A 319 1.99 -17.34 -2.01
C ASP A 319 1.08 -16.71 -3.05
N ALA A 320 1.29 -15.44 -3.37
CA ALA A 320 0.42 -14.71 -4.28
C ALA A 320 1.21 -13.61 -4.95
N VAL A 321 0.64 -13.05 -6.01
CA VAL A 321 1.24 -11.98 -6.76
C VAL A 321 0.23 -10.83 -6.85
N ALA A 322 0.70 -9.60 -6.68
CA ALA A 322 -0.12 -8.43 -6.95
C ALA A 322 0.33 -7.79 -8.27
N PHE A 323 -0.63 -7.59 -9.17
CA PHE A 323 -0.41 -6.91 -10.43
C PHE A 323 -0.99 -5.51 -10.33
N GLY A 324 -0.22 -4.52 -10.78
CA GLY A 324 -0.65 -3.14 -10.78
C GLY A 324 -1.19 -2.71 -12.15
N ARG A 325 -0.29 -2.38 -13.07
CA ARG A 325 -0.71 -1.85 -14.36
C ARG A 325 -1.58 -2.80 -15.16
N ASP A 326 -1.31 -4.11 -15.10
CA ASP A 326 -2.18 -5.04 -15.80
C ASP A 326 -3.61 -5.03 -15.21
N TYR A 327 -3.77 -4.71 -13.91
CA TYR A 327 -5.11 -4.55 -13.33
C TYR A 327 -5.77 -3.23 -13.69
N ILE A 328 -5.00 -2.16 -13.88
CA ILE A 328 -5.58 -0.94 -14.41
C ILE A 328 -6.33 -1.26 -15.70
N ALA A 329 -5.68 -2.00 -16.59
CA ALA A 329 -6.17 -2.18 -17.95
C ALA A 329 -7.06 -3.40 -18.16
N ASN A 330 -7.12 -4.31 -17.20
CA ASN A 330 -7.82 -5.59 -17.42
C ASN A 330 -8.69 -5.91 -16.21
N PRO A 331 -9.97 -5.55 -16.26
CA PRO A 331 -10.80 -5.79 -15.06
C PRO A 331 -10.93 -7.28 -14.74
N ASP A 332 -10.93 -8.09 -15.81
CA ASP A 332 -10.99 -9.54 -15.74
C ASP A 332 -9.62 -10.17 -15.94
N LEU A 333 -8.58 -9.59 -15.33
CA LEU A 333 -7.25 -10.13 -15.44
C LEU A 333 -7.20 -11.61 -15.06
N VAL A 334 -7.94 -12.02 -14.02
CA VAL A 334 -7.93 -13.43 -13.64
C VAL A 334 -8.30 -14.33 -14.84
N ALA A 335 -9.43 -14.04 -15.47
CA ALA A 335 -9.89 -14.85 -16.60
C ALA A 335 -8.89 -14.80 -17.75
N ARG A 336 -8.31 -13.63 -18.00
CA ARG A 336 -7.36 -13.50 -19.10
C ARG A 336 -6.11 -14.35 -18.84
N LEU A 337 -5.60 -14.32 -17.63
CA LEU A 337 -4.43 -15.14 -17.31
C LEU A 337 -4.77 -16.62 -17.31
N GLN A 338 -5.97 -16.97 -16.88
CA GLN A 338 -6.38 -18.37 -16.87
C GLN A 338 -6.49 -18.92 -18.31
N LYS A 339 -7.04 -18.10 -19.20
CA LYS A 339 -7.27 -18.49 -20.60
C LYS A 339 -6.10 -18.21 -21.52
N LYS A 340 -5.05 -17.55 -21.01
CA LYS A 340 -3.90 -17.14 -21.83
C LYS A 340 -4.34 -16.19 -22.95
N ALA A 341 -5.26 -15.29 -22.63
CA ALA A 341 -5.75 -14.28 -23.55
C ALA A 341 -4.81 -13.09 -23.56
N GLU A 342 -4.86 -12.29 -24.62
CA GLU A 342 -4.12 -11.04 -24.65
C GLU A 342 -4.66 -10.06 -23.61
N LEU A 343 -3.80 -9.11 -23.24
CA LEU A 343 -4.13 -8.09 -22.27
C LEU A 343 -4.41 -6.78 -22.98
N ASN A 344 -5.41 -6.05 -22.50
CA ASN A 344 -5.78 -4.78 -23.10
C ASN A 344 -4.60 -3.81 -23.13
N PRO A 345 -4.53 -2.96 -24.16
CA PRO A 345 -3.46 -1.95 -24.21
C PRO A 345 -3.63 -0.90 -23.11
N GLN A 346 -2.57 -0.67 -22.35
CA GLN A 346 -2.60 0.34 -21.30
C GLN A 346 -2.53 1.76 -21.88
N ARG A 347 -3.20 2.69 -21.19
CA ARG A 347 -3.23 4.10 -21.56
C ARG A 347 -2.70 4.94 -20.39
N PRO A 348 -1.37 5.06 -20.28
CA PRO A 348 -0.80 5.71 -19.09
C PRO A 348 -1.20 7.16 -18.87
N GLU A 349 -1.61 7.87 -19.91
CA GLU A 349 -1.99 9.26 -19.75
C GLU A 349 -3.18 9.44 -18.81
N SER A 350 -3.99 8.41 -18.62
CA SER A 350 -5.16 8.47 -17.75
C SER A 350 -4.97 7.65 -16.47
N PHE A 351 -3.74 7.31 -16.12
CA PHE A 351 -3.54 6.66 -14.82
C PHE A 351 -3.96 7.60 -13.66
N TYR A 352 -3.55 8.87 -13.73
CA TYR A 352 -3.74 9.82 -12.61
C TYR A 352 -4.71 10.91 -12.97
N GLY A 353 -5.76 11.06 -12.15
CA GLY A 353 -6.75 12.11 -12.30
C GLY A 353 -7.74 11.85 -13.41
N GLY A 354 -8.62 12.82 -13.63
CA GLY A 354 -9.61 12.70 -14.67
C GLY A 354 -10.88 12.02 -14.20
N GLY A 355 -11.47 11.23 -15.09
CA GLY A 355 -12.79 10.66 -14.90
C GLY A 355 -12.86 9.23 -15.38
N ALA A 356 -13.99 8.87 -15.96
CA ALA A 356 -14.24 7.50 -16.39
C ALA A 356 -13.28 7.02 -17.47
N GLU A 357 -12.85 7.92 -18.35
CA GLU A 357 -11.98 7.53 -19.45
C GLU A 357 -10.63 7.07 -18.89
N GLY A 358 -10.19 5.89 -19.30
CA GLY A 358 -8.98 5.29 -18.78
C GLY A 358 -9.11 4.75 -17.38
N TYR A 359 -10.35 4.56 -16.91
CA TYR A 359 -10.61 4.14 -15.54
C TYR A 359 -11.60 2.98 -15.54
N THR A 360 -12.83 3.23 -16.00
CA THR A 360 -13.89 2.23 -16.03
C THR A 360 -14.21 1.74 -17.44
N ASP A 361 -13.46 2.18 -18.45
CA ASP A 361 -13.77 1.88 -19.85
C ASP A 361 -12.84 0.85 -20.48
N TYR A 362 -12.04 0.14 -19.69
CA TYR A 362 -11.28 -0.98 -20.22
C TYR A 362 -12.19 -2.21 -20.20
N PRO A 363 -12.35 -2.88 -21.36
CA PRO A 363 -13.33 -3.95 -21.45
C PRO A 363 -12.86 -5.29 -20.90
N SER A 364 -13.83 -6.09 -20.50
CA SER A 364 -13.59 -7.51 -20.25
CA SER A 364 -13.61 -7.51 -20.25
C SER A 364 -13.49 -8.25 -21.58
N LEU A 365 -13.06 -9.49 -21.52
CA LEU A 365 -13.17 -10.40 -22.66
C LEU A 365 -14.63 -10.56 -23.07
N1 FMN B . 1.85 1.28 -4.70
C2 FMN B . 1.30 1.42 -3.47
O2 FMN B . 1.74 0.77 -2.50
N3 FMN B . 0.22 2.23 -3.26
C4 FMN B . -0.32 2.99 -4.24
O4 FMN B . -1.35 3.70 -4.00
C4A FMN B . 0.27 2.89 -5.52
N5 FMN B . -0.23 3.64 -6.54
C5A FMN B . 0.23 3.40 -7.80
C6 FMN B . -0.37 4.05 -8.88
C7 FMN B . 0.00 3.81 -10.20
C7M FMN B . -0.69 4.52 -11.34
C8 FMN B . 1.02 2.89 -10.44
C8M FMN B . 1.45 2.59 -11.85
C9 FMN B . 1.62 2.23 -9.38
C9A FMN B . 1.24 2.46 -8.04
N10 FMN B . 1.82 1.81 -6.98
C10 FMN B . 1.33 2.00 -5.72
C1' FMN B . 2.70 0.64 -7.22
C2' FMN B . 1.90 -0.58 -7.65
O2' FMN B . 1.15 -1.11 -6.56
C3' FMN B . 2.83 -1.67 -8.19
O3' FMN B . 3.68 -2.12 -7.10
C4' FMN B . 3.69 -1.22 -9.41
O4' FMN B . 2.81 -0.68 -10.40
C5' FMN B . 4.58 -2.30 -10.02
O5' FMN B . 3.80 -3.43 -10.41
P FMN B . 3.25 -3.69 -11.94
O1P FMN B . 2.46 -2.46 -12.35
O2P FMN B . 4.48 -3.91 -12.82
O3P FMN B . 2.40 -4.92 -11.78
C1 P81 C . 1.24 8.54 -7.15
N1 P81 C . 1.27 9.40 -8.12
O1 P81 C . 2.17 9.32 -9.14
C2 P81 C . 2.08 7.50 -7.13
O2 P81 C . 0.47 10.32 -8.14
C1' P81 C . 2.18 6.49 -6.03
C2' P81 C . 1.39 6.48 -4.89
C3' P81 C . 1.62 5.51 -3.90
C4' P81 C . 2.66 4.62 -4.05
O4' P81 C . 2.92 3.72 -3.11
C5' P81 C . 3.45 4.62 -5.20
C6' P81 C . 3.23 5.59 -6.17
#